data_9OU6
#
_entry.id   9OU6
#
_cell.length_a   57.708
_cell.length_b   109.334
_cell.length_c   114.530
_cell.angle_alpha   90.000
_cell.angle_beta   90.000
_cell.angle_gamma   90.000
#
_symmetry.space_group_name_H-M   'P 21 21 21'
#
loop_
_entity.id
_entity.type
_entity.pdbx_description
1 polymer 'SIS domain protein'
2 water water
#
_entity_poly.entity_id   1
_entity_poly.type   'polypeptide(L)'
_entity_poly.pdbx_seq_one_letter_code
;MDHHHHHHENLYFQMEPEESMMGMKETVSNIVTSQAEKGGVKHVYYVACGGSYAAFYPAKAFLEKEAKALTVGLYNSGEF
INNPPVALGENAVVVVASHKGNTPETIKAAEIARQHGAPVIGLTWIMDSPLVAHCDYVETYTFGDGKDIAGEKTMKGLLS
AVELLQQTEGYAHYDDFQDGVSKINRIVWRACEQVAERAQAFAQEYKDDKVIYTVASGAGYGAAYLQSICIFMEMQWIHS
ACIHSGEFFHGAFEITDANTPFFFQFSEGNTRAVDERALNFLKKYGRRIEVVDAAALGLSTIKTTVIDYFNHSLFNNVYP
VYNRALAEARQHPLTTRRYMWKVEY
;
_entity_poly.pdbx_strand_id   A,B
#
# COMPACT_ATOMS: atom_id res chain seq x y z
N MET A 22 23.30 -17.14 -8.48
CA MET A 22 24.32 -16.86 -9.53
C MET A 22 23.77 -15.89 -10.59
N GLY A 23 22.57 -16.18 -11.10
CA GLY A 23 21.99 -15.45 -12.23
C GLY A 23 21.67 -14.00 -11.86
N MET A 24 20.92 -13.81 -10.76
CA MET A 24 20.56 -12.45 -10.37
C MET A 24 21.81 -11.71 -9.90
N LYS A 25 22.70 -12.41 -9.21
CA LYS A 25 23.95 -11.79 -8.80
C LYS A 25 24.71 -11.23 -10.01
N GLU A 26 24.81 -12.03 -11.07
CA GLU A 26 25.55 -11.62 -12.26
C GLU A 26 24.85 -10.45 -12.97
N THR A 27 23.52 -10.53 -13.08
CA THR A 27 22.73 -9.49 -13.73
C THR A 27 22.98 -8.16 -13.02
N VAL A 28 22.88 -8.15 -11.67
CA VAL A 28 23.09 -6.92 -10.95
C VAL A 28 24.54 -6.40 -11.09
N SER A 29 25.51 -7.32 -11.11
CA SER A 29 26.89 -6.96 -11.34
C SER A 29 27.02 -6.25 -12.69
N ASN A 30 26.35 -6.79 -13.71
CA ASN A 30 26.39 -6.18 -15.05
C ASN A 30 25.85 -4.75 -15.00
N ILE A 31 24.75 -4.55 -14.25
CA ILE A 31 24.12 -3.24 -14.12
C ILE A 31 24.99 -2.28 -13.32
N VAL A 32 25.57 -2.73 -12.18
CA VAL A 32 26.41 -1.86 -11.39
C VAL A 32 27.61 -1.39 -12.22
N THR A 33 28.17 -2.31 -13.00
CA THR A 33 29.28 -1.97 -13.87
C THR A 33 28.89 -0.93 -14.91
N SER A 34 27.78 -1.17 -15.63
CA SER A 34 27.34 -0.28 -16.70
C SER A 34 26.95 1.11 -16.20
N GLN A 35 26.35 1.24 -15.01
CA GLN A 35 25.80 2.51 -14.57
C GLN A 35 26.82 3.28 -13.74
N ALA A 36 28.00 2.72 -13.46
CA ALA A 36 28.97 3.38 -12.59
C ALA A 36 29.31 4.78 -13.12
N GLU A 37 29.57 4.88 -14.43
CA GLU A 37 30.00 6.16 -14.98
C GLU A 37 28.86 7.16 -14.98
N LYS A 38 27.62 6.69 -14.79
CA LYS A 38 26.46 7.57 -14.79
C LYS A 38 26.03 7.97 -13.38
N GLY A 39 26.78 7.56 -12.36
CA GLY A 39 26.49 7.90 -10.97
C GLY A 39 25.88 6.73 -10.21
N GLY A 40 25.75 5.57 -10.86
CA GLY A 40 25.39 4.33 -10.19
C GLY A 40 23.87 4.22 -10.00
N VAL A 41 23.48 3.12 -9.33
CA VAL A 41 22.07 2.82 -9.11
C VAL A 41 21.61 3.48 -7.82
N LYS A 42 20.53 4.28 -7.88
CA LYS A 42 20.06 5.07 -6.73
C LYS A 42 18.58 4.76 -6.43
N HIS A 43 17.88 4.20 -7.41
CA HIS A 43 16.43 4.00 -7.35
C HIS A 43 16.08 2.65 -7.94
N VAL A 44 15.18 1.93 -7.26
CA VAL A 44 14.69 0.66 -7.73
C VAL A 44 13.18 0.73 -7.82
N TYR A 45 12.65 0.27 -8.95
CA TYR A 45 11.21 0.22 -9.15
C TYR A 45 10.80 -1.19 -9.49
N TYR A 46 9.79 -1.68 -8.77
CA TYR A 46 9.18 -2.96 -9.04
C TYR A 46 7.82 -2.65 -9.65
N VAL A 47 7.57 -3.17 -10.85
CA VAL A 47 6.40 -2.76 -11.63
C VAL A 47 5.73 -4.01 -12.19
N ALA A 48 4.44 -4.21 -11.84
CA ALA A 48 3.73 -5.37 -12.30
C ALA A 48 2.24 -5.20 -12.04
N CYS A 49 1.46 -6.15 -12.55
CA CYS A 49 0.04 -6.22 -12.28
C CYS A 49 -0.33 -7.56 -11.68
N GLY A 50 -1.46 -7.55 -10.98
CA GLY A 50 -2.04 -8.76 -10.45
C GLY A 50 -1.14 -9.49 -9.48
N GLY A 51 -1.08 -10.82 -9.62
CA GLY A 51 -0.31 -11.62 -8.69
C GLY A 51 1.16 -11.20 -8.69
N SER A 52 1.65 -10.74 -9.85
CA SER A 52 3.05 -10.37 -9.96
C SER A 52 3.32 -9.11 -9.12
N TYR A 53 2.34 -8.21 -9.04
CA TYR A 53 2.48 -7.05 -8.17
C TYR A 53 2.62 -7.48 -6.71
N ALA A 54 1.69 -8.32 -6.26
CA ALA A 54 1.72 -8.77 -4.86
C ALA A 54 3.02 -9.53 -4.55
N ALA A 55 3.52 -10.30 -5.52
CA ALA A 55 4.74 -11.06 -5.36
C ALA A 55 5.99 -10.20 -5.21
N PHE A 56 5.96 -8.91 -5.61
CA PHE A 56 7.04 -7.98 -5.37
C PHE A 56 6.97 -7.28 -4.01
N TYR A 57 5.87 -7.45 -3.23
CA TYR A 57 5.78 -6.76 -1.95
C TYR A 57 6.99 -7.10 -1.04
N PRO A 58 7.47 -8.37 -0.95
CA PRO A 58 8.60 -8.64 -0.09
C PRO A 58 9.84 -7.83 -0.47
N ALA A 59 10.07 -7.64 -1.78
CA ALA A 59 11.23 -6.84 -2.22
C ALA A 59 11.13 -5.39 -1.81
N LYS A 60 9.94 -4.80 -1.91
CA LYS A 60 9.69 -3.46 -1.43
C LYS A 60 9.92 -3.37 0.07
N ALA A 61 9.41 -4.33 0.85
CA ALA A 61 9.59 -4.36 2.28
C ALA A 61 11.06 -4.50 2.65
N PHE A 62 11.77 -5.32 1.87
CA PHE A 62 13.20 -5.49 2.08
C PHE A 62 13.98 -4.20 1.95
N LEU A 63 13.85 -3.49 0.80
CA LEU A 63 14.64 -2.29 0.64
C LEU A 63 14.16 -1.19 1.58
N GLU A 64 12.88 -1.14 1.93
CA GLU A 64 12.47 -0.17 2.94
C GLU A 64 13.12 -0.42 4.29
N LYS A 65 13.20 -1.69 4.69
CA LYS A 65 13.81 -2.00 5.98
C LYS A 65 15.32 -1.79 5.97
N GLU A 66 15.97 -2.22 4.89
CA GLU A 66 17.40 -2.47 4.91
C GLU A 66 18.27 -1.41 4.26
N ALA A 67 17.71 -0.58 3.38
CA ALA A 67 18.55 0.31 2.59
C ALA A 67 18.65 1.67 3.26
N LYS A 68 19.82 2.31 3.06
CA LYS A 68 20.02 3.69 3.46
C LYS A 68 20.28 4.64 2.28
N ALA A 69 20.55 4.12 1.07
CA ALA A 69 20.94 4.91 -0.09
C ALA A 69 20.30 4.45 -1.39
N LEU A 70 19.26 3.64 -1.30
CA LEU A 70 18.49 3.25 -2.46
C LEU A 70 17.05 3.62 -2.14
N THR A 71 16.34 4.20 -3.09
CA THR A 71 14.91 4.34 -2.96
C THR A 71 14.30 3.08 -3.56
N VAL A 72 13.09 2.74 -3.07
CA VAL A 72 12.34 1.67 -3.70
C VAL A 72 10.90 2.13 -3.88
N GLY A 73 10.33 1.81 -5.07
CA GLY A 73 8.93 2.04 -5.36
C GLY A 73 8.30 0.80 -5.94
N LEU A 74 7.05 0.50 -5.53
CA LEU A 74 6.26 -0.60 -6.06
C LEU A 74 5.02 -0.01 -6.71
N TYR A 75 4.90 -0.30 -8.01
CA TYR A 75 3.82 0.31 -8.78
C TYR A 75 3.03 -0.75 -9.53
N ASN A 76 1.73 -0.52 -9.60
CA ASN A 76 0.90 -1.16 -10.61
C ASN A 76 1.32 -0.65 -12.00
N SER A 77 1.37 -1.54 -12.98
CA SER A 77 1.89 -1.17 -14.29
C SER A 77 1.10 -0.01 -14.94
N GLY A 78 -0.21 -0.05 -14.84
CA GLY A 78 -1.04 1.03 -15.39
C GLY A 78 -0.74 2.40 -14.78
N GLU A 79 -0.54 2.44 -13.44
CA GLU A 79 -0.19 3.68 -12.79
C GLU A 79 1.21 4.12 -13.24
N PHE A 80 2.18 3.21 -13.32
CA PHE A 80 3.52 3.58 -13.66
C PHE A 80 3.60 4.22 -15.05
N ILE A 81 2.92 3.63 -16.03
CA ILE A 81 3.04 4.15 -17.40
C ILE A 81 2.30 5.46 -17.57
N ASN A 82 1.27 5.70 -16.78
CA ASN A 82 0.54 6.97 -16.87
C ASN A 82 1.16 8.06 -16.01
N ASN A 83 1.92 7.68 -14.97
CA ASN A 83 2.45 8.63 -14.01
C ASN A 83 3.83 8.20 -13.52
N PRO A 84 4.82 8.11 -14.43
CA PRO A 84 6.14 7.65 -14.02
C PRO A 84 6.84 8.65 -13.11
N PRO A 85 7.65 8.15 -12.17
CA PRO A 85 8.34 9.04 -11.26
C PRO A 85 9.41 9.85 -11.98
N VAL A 86 9.68 11.04 -11.47
CA VAL A 86 10.68 11.89 -12.09
C VAL A 86 12.08 11.27 -11.97
N ALA A 87 12.29 10.38 -10.99
CA ALA A 87 13.61 9.79 -10.82
C ALA A 87 13.86 8.61 -11.79
N LEU A 88 12.90 8.30 -12.68
CA LEU A 88 13.10 7.31 -13.68
C LEU A 88 14.14 7.83 -14.67
N GLY A 89 15.25 7.12 -14.77
CA GLY A 89 16.37 7.57 -15.60
C GLY A 89 17.54 6.62 -15.42
N GLU A 90 18.74 7.12 -15.73
CA GLU A 90 19.92 6.28 -15.77
C GLU A 90 20.38 5.81 -14.37
N ASN A 91 19.86 6.44 -13.30
CA ASN A 91 20.18 6.03 -11.94
C ASN A 91 19.06 5.16 -11.34
N ALA A 92 18.15 4.69 -12.15
CA ALA A 92 17.09 3.76 -11.73
C ALA A 92 17.29 2.39 -12.35
N VAL A 93 16.84 1.35 -11.65
CA VAL A 93 16.67 0.04 -12.23
C VAL A 93 15.20 -0.29 -12.09
N VAL A 94 14.62 -0.83 -13.15
CA VAL A 94 13.23 -1.24 -13.17
C VAL A 94 13.16 -2.75 -13.29
N VAL A 95 12.42 -3.36 -12.36
CA VAL A 95 12.21 -4.79 -12.38
C VAL A 95 10.73 -5.04 -12.70
N VAL A 96 10.48 -5.71 -13.83
CA VAL A 96 9.10 -5.96 -14.23
C VAL A 96 8.87 -7.46 -14.16
N ALA A 97 7.58 -7.86 -14.03
CA ALA A 97 7.22 -9.25 -13.96
C ALA A 97 5.88 -9.44 -14.67
N SER A 98 5.81 -10.50 -15.49
CA SER A 98 4.60 -10.91 -16.14
C SER A 98 4.78 -12.40 -16.43
N HIS A 99 3.87 -13.25 -15.91
CA HIS A 99 4.10 -14.68 -15.95
C HIS A 99 4.23 -15.18 -17.39
N LYS A 100 3.24 -14.81 -18.22
CA LYS A 100 3.23 -15.20 -19.62
C LYS A 100 3.96 -14.19 -20.50
N GLY A 101 4.43 -13.10 -19.91
CA GLY A 101 5.20 -12.11 -20.63
C GLY A 101 4.38 -11.35 -21.65
N ASN A 102 3.06 -11.24 -21.45
CA ASN A 102 2.23 -10.59 -22.45
C ASN A 102 1.25 -9.57 -21.84
N THR A 103 1.47 -9.17 -20.58
CA THR A 103 0.60 -8.19 -19.95
C THR A 103 0.93 -6.83 -20.57
N PRO A 104 0.01 -6.17 -21.31
CA PRO A 104 0.38 -5.04 -22.14
C PRO A 104 0.96 -3.87 -21.35
N GLU A 105 0.32 -3.53 -20.23
CA GLU A 105 0.79 -2.39 -19.46
C GLU A 105 2.21 -2.65 -18.95
N THR A 106 2.53 -3.89 -18.61
CA THR A 106 3.84 -4.20 -18.06
C THR A 106 4.89 -4.14 -19.17
N ILE A 107 4.53 -4.62 -20.37
CA ILE A 107 5.40 -4.43 -21.53
C ILE A 107 5.67 -2.96 -21.77
N LYS A 108 4.62 -2.11 -21.70
CA LYS A 108 4.80 -0.67 -21.85
C LYS A 108 5.64 -0.03 -20.75
N ALA A 109 5.59 -0.58 -19.53
CA ALA A 109 6.43 -0.10 -18.46
C ALA A 109 7.91 -0.35 -18.77
N ALA A 110 8.18 -1.56 -19.28
CA ALA A 110 9.56 -1.90 -19.62
C ALA A 110 10.03 -0.95 -20.72
N GLU A 111 9.16 -0.71 -21.71
CA GLU A 111 9.51 0.16 -22.81
C GLU A 111 9.79 1.59 -22.36
N ILE A 112 8.93 2.17 -21.51
CA ILE A 112 9.14 3.52 -21.02
C ILE A 112 10.40 3.61 -20.18
N ALA A 113 10.68 2.59 -19.35
CA ALA A 113 11.92 2.57 -18.61
C ALA A 113 13.14 2.63 -19.56
N ARG A 114 13.13 1.78 -20.58
CA ARG A 114 14.25 1.74 -21.53
C ARG A 114 14.44 3.09 -22.23
N GLN A 115 13.35 3.77 -22.57
CA GLN A 115 13.42 5.06 -23.23
C GLN A 115 14.00 6.13 -22.32
N HIS A 116 13.92 5.92 -21.00
CA HIS A 116 14.48 6.85 -20.04
C HIS A 116 15.91 6.50 -19.65
N GLY A 117 16.40 5.35 -20.12
CA GLY A 117 17.77 4.93 -19.87
C GLY A 117 17.92 4.11 -18.60
N ALA A 118 16.80 3.65 -18.02
CA ALA A 118 16.84 2.77 -16.86
C ALA A 118 17.06 1.35 -17.34
N PRO A 119 18.08 0.62 -16.82
CA PRO A 119 18.14 -0.81 -17.07
C PRO A 119 16.88 -1.54 -16.59
N VAL A 120 16.42 -2.52 -17.37
CA VAL A 120 15.21 -3.29 -17.10
C VAL A 120 15.57 -4.75 -16.94
N ILE A 121 15.15 -5.30 -15.81
CA ILE A 121 15.18 -6.71 -15.55
C ILE A 121 13.75 -7.21 -15.65
N GLY A 122 13.53 -8.19 -16.52
CA GLY A 122 12.22 -8.82 -16.67
C GLY A 122 12.17 -10.21 -16.04
N LEU A 123 11.08 -10.50 -15.31
CA LEU A 123 10.83 -11.82 -14.74
C LEU A 123 9.65 -12.43 -15.47
N THR A 124 9.87 -13.59 -16.11
CA THR A 124 8.79 -14.24 -16.83
C THR A 124 9.06 -15.76 -16.94
N TRP A 125 7.98 -16.52 -17.07
CA TRP A 125 8.09 -17.96 -17.29
C TRP A 125 8.27 -18.29 -18.78
N ILE A 126 7.89 -17.38 -19.67
CA ILE A 126 7.87 -17.63 -21.12
C ILE A 126 8.99 -16.82 -21.76
N MET A 127 10.05 -17.52 -22.18
CA MET A 127 11.31 -16.87 -22.54
C MET A 127 11.30 -16.30 -23.96
N ASP A 128 10.29 -16.59 -24.77
CA ASP A 128 10.13 -15.93 -26.06
C ASP A 128 8.84 -15.10 -26.09
N SER A 129 8.39 -14.63 -24.93
CA SER A 129 7.17 -13.84 -24.86
C SER A 129 7.46 -12.43 -25.36
N PRO A 130 6.43 -11.62 -25.68
CA PRO A 130 6.66 -10.25 -26.11
C PRO A 130 7.44 -9.37 -25.12
N LEU A 131 7.32 -9.67 -23.81
CA LEU A 131 8.02 -8.88 -22.80
C LEU A 131 9.52 -8.87 -23.05
N VAL A 132 10.07 -10.00 -23.44
CA VAL A 132 11.51 -10.20 -23.42
C VAL A 132 12.22 -9.23 -24.38
N ALA A 133 11.54 -8.78 -25.45
CA ALA A 133 12.12 -7.84 -26.40
C ALA A 133 12.34 -6.46 -25.80
N HIS A 134 11.70 -6.18 -24.64
CA HIS A 134 11.72 -4.85 -24.06
C HIS A 134 12.54 -4.81 -22.77
N CYS A 135 13.27 -5.89 -22.46
CA CYS A 135 14.07 -5.96 -21.25
C CYS A 135 15.56 -6.06 -21.62
N ASP A 136 16.40 -5.46 -20.79
CA ASP A 136 17.85 -5.56 -20.89
C ASP A 136 18.35 -6.90 -20.39
N TYR A 137 17.67 -7.42 -19.35
CA TYR A 137 18.04 -8.70 -18.77
C TYR A 137 16.76 -9.46 -18.47
N VAL A 138 16.75 -10.76 -18.76
CA VAL A 138 15.60 -11.60 -18.50
C VAL A 138 16.01 -12.67 -17.50
N GLU A 139 15.20 -12.86 -16.46
CA GLU A 139 15.39 -13.95 -15.53
C GLU A 139 14.09 -14.75 -15.46
N THR A 140 14.22 -16.06 -15.30
CA THR A 140 13.02 -16.88 -15.19
C THR A 140 13.00 -17.42 -13.76
N TYR A 141 12.11 -18.34 -13.51
CA TYR A 141 11.88 -18.87 -12.18
C TYR A 141 11.17 -20.22 -12.31
N THR A 142 11.15 -20.94 -11.19
CA THR A 142 10.45 -22.20 -11.10
C THR A 142 8.95 -21.96 -10.95
N PHE A 143 8.16 -22.97 -11.32
CA PHE A 143 6.71 -22.82 -11.39
C PHE A 143 6.04 -24.18 -11.49
N GLY A 144 4.87 -24.30 -10.87
CA GLY A 144 4.03 -25.48 -10.93
C GLY A 144 4.23 -26.40 -9.73
N ASP A 145 3.50 -27.52 -9.74
CA ASP A 145 3.52 -28.49 -8.66
C ASP A 145 4.94 -29.00 -8.42
N GLY A 146 5.35 -29.00 -7.16
CA GLY A 146 6.67 -29.50 -6.79
C GLY A 146 7.83 -28.65 -7.29
N LYS A 147 7.60 -27.35 -7.52
CA LYS A 147 8.70 -26.49 -7.87
C LYS A 147 9.69 -26.38 -6.72
N ASP A 148 10.93 -26.05 -7.04
CA ASP A 148 11.90 -25.65 -6.03
C ASP A 148 11.60 -24.20 -5.60
N ILE A 149 11.18 -24.03 -4.35
CA ILE A 149 10.82 -22.69 -3.88
C ILE A 149 11.99 -21.72 -3.96
N ALA A 150 13.21 -22.20 -3.77
CA ALA A 150 14.36 -21.30 -3.74
C ALA A 150 14.45 -20.50 -5.05
N GLY A 151 13.89 -21.05 -6.13
CA GLY A 151 13.92 -20.37 -7.43
C GLY A 151 12.58 -19.80 -7.91
N GLU A 152 11.59 -19.68 -7.03
CA GLU A 152 10.28 -19.22 -7.47
C GLU A 152 10.31 -17.70 -7.71
N LYS A 153 9.25 -17.22 -8.35
CA LYS A 153 9.17 -15.84 -8.79
C LYS A 153 9.38 -14.86 -7.63
N THR A 154 8.71 -15.08 -6.49
CA THR A 154 8.87 -14.16 -5.36
C THR A 154 10.32 -14.09 -4.89
N MET A 155 10.97 -15.25 -4.87
CA MET A 155 12.36 -15.33 -4.47
C MET A 155 13.30 -14.61 -5.43
N LYS A 156 13.04 -14.69 -6.74
CA LYS A 156 13.87 -13.98 -7.69
C LYS A 156 13.71 -12.47 -7.51
N GLY A 157 12.49 -12.00 -7.24
CA GLY A 157 12.26 -10.59 -6.94
C GLY A 157 13.03 -10.15 -5.71
N LEU A 158 12.98 -10.96 -4.65
CA LEU A 158 13.75 -10.65 -3.46
C LEU A 158 15.24 -10.64 -3.75
N LEU A 159 15.73 -11.62 -4.54
CA LEU A 159 17.16 -11.67 -4.84
C LEU A 159 17.60 -10.47 -5.65
N SER A 160 16.72 -9.91 -6.49
CA SER A 160 17.10 -8.68 -7.15
C SER A 160 17.42 -7.58 -6.14
N ALA A 161 16.56 -7.43 -5.12
CA ALA A 161 16.73 -6.44 -4.07
C ALA A 161 17.99 -6.68 -3.21
N VAL A 162 18.15 -7.94 -2.81
CA VAL A 162 19.28 -8.34 -1.99
C VAL A 162 20.59 -8.02 -2.73
N GLU A 163 20.64 -8.41 -3.99
CA GLU A 163 21.85 -8.17 -4.79
C GLU A 163 22.08 -6.68 -5.03
N LEU A 164 21.03 -5.93 -5.37
CA LEU A 164 21.20 -4.52 -5.61
C LEU A 164 21.71 -3.81 -4.34
N LEU A 165 21.22 -4.21 -3.16
CA LEU A 165 21.69 -3.64 -1.93
C LEU A 165 23.14 -4.05 -1.69
N GLN A 166 23.43 -5.35 -1.78
CA GLN A 166 24.74 -5.89 -1.47
C GLN A 166 25.78 -5.21 -2.36
N GLN A 167 25.46 -5.04 -3.64
CA GLN A 167 26.44 -4.58 -4.60
C GLN A 167 26.57 -3.07 -4.67
N THR A 168 25.69 -2.31 -4.01
CA THR A 168 25.81 -0.86 -3.98
C THR A 168 26.30 -0.39 -2.62
N GLU A 169 25.59 -0.75 -1.58
CA GLU A 169 25.82 -0.26 -0.24
C GLU A 169 26.46 -1.30 0.67
N GLY A 170 26.32 -2.57 0.33
CA GLY A 170 26.63 -3.67 1.25
C GLY A 170 25.38 -4.06 2.05
N TYR A 171 25.29 -5.35 2.38
CA TYR A 171 24.17 -5.87 3.13
C TYR A 171 24.73 -6.79 4.20
N ALA A 172 24.49 -6.40 5.44
CA ALA A 172 25.14 -7.07 6.55
C ALA A 172 24.64 -8.49 6.75
N HIS A 173 23.44 -8.83 6.27
CA HIS A 173 22.86 -10.13 6.53
C HIS A 173 22.79 -10.98 5.28
N TYR A 174 23.69 -10.71 4.33
CA TYR A 174 23.67 -11.44 3.08
C TYR A 174 23.83 -12.94 3.29
N ASP A 175 24.79 -13.36 4.13
CA ASP A 175 25.03 -14.79 4.31
C ASP A 175 23.81 -15.47 4.94
N ASP A 176 23.21 -14.77 5.91
CA ASP A 176 21.99 -15.23 6.55
C ASP A 176 20.90 -15.41 5.49
N PHE A 177 20.81 -14.44 4.57
CA PHE A 177 19.78 -14.53 3.54
C PHE A 177 20.01 -15.74 2.64
N GLN A 178 21.24 -15.95 2.21
CA GLN A 178 21.52 -17.09 1.34
C GLN A 178 21.27 -18.40 2.09
N ASP A 179 21.55 -18.42 3.39
CA ASP A 179 21.18 -19.57 4.24
C ASP A 179 19.66 -19.83 4.22
N GLY A 180 18.85 -18.75 4.33
CA GLY A 180 17.40 -18.90 4.21
C GLY A 180 16.97 -19.48 2.87
N VAL A 181 17.56 -18.98 1.76
CA VAL A 181 17.27 -19.47 0.43
C VAL A 181 17.53 -20.99 0.35
N SER A 182 18.60 -21.44 1.00
CA SER A 182 18.99 -22.86 1.03
C SER A 182 18.02 -23.73 1.82
N LYS A 183 17.17 -23.14 2.66
CA LYS A 183 16.28 -23.83 3.58
C LYS A 183 14.82 -23.80 3.15
N ILE A 184 14.41 -22.78 2.36
CA ILE A 184 12.99 -22.53 2.23
C ILE A 184 12.24 -23.67 1.54
N ASN A 185 12.88 -24.31 0.54
CA ASN A 185 12.20 -25.37 -0.16
C ASN A 185 11.79 -26.51 0.78
N ARG A 186 12.73 -27.01 1.60
CA ARG A 186 12.43 -28.11 2.50
C ARG A 186 11.38 -27.68 3.55
N ILE A 187 11.45 -26.43 4.01
CA ILE A 187 10.46 -25.94 4.96
C ILE A 187 9.07 -25.99 4.34
N VAL A 188 8.93 -25.48 3.11
CA VAL A 188 7.64 -25.42 2.48
C VAL A 188 7.06 -26.80 2.22
N TRP A 189 7.87 -27.74 1.72
CA TRP A 189 7.26 -29.03 1.41
C TRP A 189 6.85 -29.76 2.69
N ARG A 190 7.63 -29.66 3.80
CA ARG A 190 7.23 -30.16 5.11
C ARG A 190 5.92 -29.50 5.57
N ALA A 191 5.85 -28.16 5.44
CA ALA A 191 4.68 -27.45 5.88
C ALA A 191 3.40 -27.89 5.16
N CYS A 192 3.48 -28.11 3.84
CA CYS A 192 2.33 -28.55 3.07
C CYS A 192 1.84 -29.90 3.58
N GLU A 193 2.75 -30.76 4.01
CA GLU A 193 2.35 -32.06 4.57
C GLU A 193 1.70 -31.84 5.93
N GLN A 194 2.33 -30.98 6.75
CA GLN A 194 1.86 -30.69 8.10
C GLN A 194 0.41 -30.23 8.11
N VAL A 195 0.01 -29.39 7.15
CA VAL A 195 -1.28 -28.74 7.24
C VAL A 195 -2.39 -29.59 6.64
N ALA A 196 -2.04 -30.71 5.98
CA ALA A 196 -3.04 -31.49 5.23
C ALA A 196 -4.30 -31.77 6.04
N GLU A 197 -4.12 -32.23 7.27
CA GLU A 197 -5.24 -32.61 8.13
C GLU A 197 -6.06 -31.38 8.50
N ARG A 198 -5.40 -30.29 8.90
CA ARG A 198 -6.09 -29.09 9.32
C ARG A 198 -6.83 -28.52 8.12
N ALA A 199 -6.25 -28.64 6.92
CA ALA A 199 -6.88 -28.08 5.74
C ALA A 199 -8.25 -28.74 5.52
N GLN A 200 -8.33 -30.06 5.70
CA GLN A 200 -9.61 -30.77 5.55
C GLN A 200 -10.67 -30.26 6.53
N ALA A 201 -10.29 -30.05 7.79
CA ALA A 201 -11.21 -29.56 8.81
C ALA A 201 -11.66 -28.12 8.53
N PHE A 202 -10.72 -27.28 8.07
CA PHE A 202 -11.04 -25.93 7.66
C PHE A 202 -12.13 -25.95 6.58
N ALA A 203 -11.95 -26.82 5.60
CA ALA A 203 -12.83 -26.91 4.47
C ALA A 203 -14.24 -27.25 4.95
N GLN A 204 -14.31 -28.14 5.94
CA GLN A 204 -15.59 -28.55 6.51
C GLN A 204 -16.22 -27.39 7.27
N GLU A 205 -15.42 -26.61 7.99
CA GLU A 205 -15.90 -25.55 8.86
C GLU A 205 -16.34 -24.33 8.03
N TYR A 206 -15.73 -24.07 6.86
CA TYR A 206 -16.00 -22.82 6.17
C TYR A 206 -16.58 -23.03 4.79
N LYS A 207 -16.97 -24.27 4.43
CA LYS A 207 -17.43 -24.53 3.06
C LYS A 207 -18.69 -23.71 2.74
N ASP A 208 -19.43 -23.25 3.76
CA ASP A 208 -20.64 -22.47 3.51
C ASP A 208 -20.47 -20.98 3.79
N ASP A 209 -19.23 -20.52 3.99
CA ASP A 209 -18.97 -19.12 4.31
C ASP A 209 -18.59 -18.35 3.04
N LYS A 210 -19.56 -17.59 2.52
CA LYS A 210 -19.42 -16.92 1.25
C LYS A 210 -18.44 -15.74 1.33
N VAL A 211 -18.13 -15.29 2.56
CA VAL A 211 -17.18 -14.19 2.76
C VAL A 211 -16.26 -14.53 3.93
N ILE A 212 -14.96 -14.33 3.68
CA ILE A 212 -13.96 -14.56 4.72
C ILE A 212 -12.95 -13.42 4.62
N TYR A 213 -12.67 -12.75 5.74
CA TYR A 213 -11.64 -11.71 5.75
C TYR A 213 -10.27 -12.36 5.88
N THR A 214 -9.21 -11.72 5.36
CA THR A 214 -7.84 -12.15 5.64
C THR A 214 -7.19 -11.05 6.50
N VAL A 215 -6.23 -11.44 7.32
CA VAL A 215 -5.52 -10.55 8.21
C VAL A 215 -4.04 -10.86 8.11
N ALA A 216 -3.17 -9.86 7.96
CA ALA A 216 -1.73 -10.01 7.91
C ALA A 216 -1.01 -8.71 8.17
N SER A 217 0.32 -8.77 8.31
CA SER A 217 1.18 -7.61 8.40
C SER A 217 2.57 -7.95 7.89
N GLY A 218 3.38 -6.91 7.63
CA GLY A 218 4.79 -7.11 7.36
C GLY A 218 5.07 -7.54 5.93
N ALA A 219 6.28 -8.08 5.68
CA ALA A 219 6.76 -8.35 4.33
C ALA A 219 6.01 -9.48 3.65
N GLY A 220 5.20 -10.26 4.38
CA GLY A 220 4.36 -11.27 3.78
C GLY A 220 2.92 -10.83 3.47
N TYR A 221 2.58 -9.54 3.63
CA TYR A 221 1.21 -9.06 3.44
C TYR A 221 0.67 -9.40 2.05
N GLY A 222 1.53 -9.36 1.03
CA GLY A 222 1.07 -9.59 -0.32
C GLY A 222 0.52 -11.01 -0.50
N ALA A 223 1.04 -11.97 0.27
CA ALA A 223 0.51 -13.33 0.18
C ALA A 223 -0.89 -13.43 0.75
N ALA A 224 -1.19 -12.60 1.77
CA ALA A 224 -2.54 -12.56 2.33
C ALA A 224 -3.51 -11.89 1.36
N TYR A 225 -3.04 -10.84 0.69
CA TYR A 225 -3.87 -10.21 -0.33
C TYR A 225 -4.24 -11.22 -1.42
N LEU A 226 -3.26 -12.01 -1.87
CA LEU A 226 -3.54 -13.02 -2.89
C LEU A 226 -4.51 -14.06 -2.36
N GLN A 227 -4.40 -14.41 -1.08
CA GLN A 227 -5.34 -15.35 -0.48
C GLN A 227 -6.75 -14.76 -0.43
N SER A 228 -6.89 -13.46 -0.22
CA SER A 228 -8.22 -12.86 -0.26
C SER A 228 -8.83 -12.98 -1.66
N ILE A 229 -8.01 -12.88 -2.70
CA ILE A 229 -8.45 -13.11 -4.07
C ILE A 229 -8.86 -14.58 -4.24
N CYS A 230 -8.04 -15.52 -3.78
CA CYS A 230 -8.35 -16.94 -3.92
C CYS A 230 -9.69 -17.26 -3.28
N ILE A 231 -9.96 -16.68 -2.09
CA ILE A 231 -11.22 -16.92 -1.42
C ILE A 231 -12.38 -16.40 -2.26
N PHE A 232 -12.21 -15.20 -2.80
CA PHE A 232 -13.23 -14.60 -3.64
C PHE A 232 -13.51 -15.50 -4.84
N MET A 233 -12.46 -16.01 -5.47
CA MET A 233 -12.57 -16.89 -6.65
C MET A 233 -13.32 -18.18 -6.34
N GLU A 234 -13.14 -18.73 -5.14
CA GLU A 234 -13.82 -19.96 -4.73
C GLU A 234 -15.28 -19.68 -4.41
N MET A 235 -15.52 -18.59 -3.67
CA MET A 235 -16.82 -18.32 -3.10
C MET A 235 -17.68 -17.52 -4.07
N GLN A 236 -17.05 -16.76 -4.96
CA GLN A 236 -17.75 -16.10 -6.06
C GLN A 236 -18.84 -15.17 -5.54
N TRP A 237 -18.60 -14.47 -4.44
CA TRP A 237 -19.62 -13.63 -3.86
C TRP A 237 -19.14 -12.17 -3.77
N ILE A 238 -18.37 -11.85 -2.71
CA ILE A 238 -17.86 -10.50 -2.50
C ILE A 238 -16.38 -10.59 -2.14
N HIS A 239 -15.60 -9.69 -2.75
CA HIS A 239 -14.19 -9.52 -2.45
C HIS A 239 -14.08 -8.66 -1.20
N SER A 240 -13.68 -9.29 -0.08
CA SER A 240 -13.67 -8.62 1.21
C SER A 240 -12.26 -8.17 1.57
N ALA A 241 -12.20 -7.29 2.58
CA ALA A 241 -10.96 -6.67 3.02
C ALA A 241 -9.90 -7.69 3.39
N CYS A 242 -8.66 -7.30 3.01
CA CYS A 242 -7.45 -7.87 3.54
C CYS A 242 -6.95 -6.89 4.60
N ILE A 243 -7.12 -7.23 5.86
CA ILE A 243 -6.94 -6.27 6.95
C ILE A 243 -5.51 -6.32 7.45
N HIS A 244 -4.87 -5.17 7.65
CA HIS A 244 -3.58 -5.10 8.29
C HIS A 244 -3.76 -5.28 9.80
N SER A 245 -2.96 -6.21 10.38
CA SER A 245 -3.04 -6.53 11.78
C SER A 245 -2.96 -5.32 12.70
N GLY A 246 -2.19 -4.34 12.29
CA GLY A 246 -1.94 -3.17 13.13
C GLY A 246 -3.10 -2.18 13.17
N GLU A 247 -4.15 -2.44 12.41
CA GLU A 247 -5.28 -1.51 12.33
C GLU A 247 -6.43 -1.88 13.28
N PHE A 248 -6.41 -3.07 13.91
CA PHE A 248 -7.46 -3.46 14.83
C PHE A 248 -7.68 -2.34 15.84
N PHE A 249 -8.90 -1.79 15.79
CA PHE A 249 -9.34 -0.69 16.64
C PHE A 249 -8.46 0.52 16.41
N HIS A 250 -8.47 0.94 15.14
CA HIS A 250 -8.00 2.23 14.71
C HIS A 250 -8.81 2.58 13.45
N GLY A 251 -8.68 1.72 12.45
CA GLY A 251 -9.48 1.80 11.22
C GLY A 251 -10.16 0.46 10.91
N ALA A 252 -9.72 -0.62 11.55
CA ALA A 252 -10.25 -1.94 11.25
C ALA A 252 -11.33 -2.31 12.27
N PHE A 253 -12.61 -2.16 11.89
CA PHE A 253 -13.71 -2.44 12.80
C PHE A 253 -14.46 -3.69 12.34
N GLU A 254 -13.82 -4.48 11.47
CA GLU A 254 -14.35 -5.79 11.13
C GLU A 254 -14.49 -6.66 12.37
N ILE A 255 -13.72 -6.37 13.43
CA ILE A 255 -13.81 -7.15 14.65
C ILE A 255 -15.21 -7.04 15.28
N THR A 256 -15.98 -5.98 14.91
CA THR A 256 -17.36 -5.82 15.34
C THR A 256 -18.31 -6.67 14.49
N ASP A 257 -17.81 -7.22 13.38
CA ASP A 257 -18.58 -8.12 12.51
C ASP A 257 -18.64 -9.47 13.24
N ALA A 258 -19.84 -9.85 13.70
CA ALA A 258 -20.01 -11.12 14.37
C ALA A 258 -20.23 -12.28 13.38
N ASN A 259 -20.47 -11.99 12.10
CA ASN A 259 -20.81 -13.07 11.17
C ASN A 259 -19.55 -13.62 10.50
N THR A 260 -18.75 -12.72 9.95
CA THR A 260 -17.75 -13.06 8.96
C THR A 260 -16.52 -13.62 9.66
N PRO A 261 -16.03 -14.80 9.27
CA PRO A 261 -14.80 -15.35 9.84
C PRO A 261 -13.53 -14.70 9.30
N PHE A 262 -12.40 -15.02 9.95
CA PHE A 262 -11.11 -14.42 9.69
C PHE A 262 -10.11 -15.53 9.40
N PHE A 263 -9.39 -15.38 8.29
CA PHE A 263 -8.31 -16.26 7.90
C PHE A 263 -7.02 -15.48 8.19
N PHE A 264 -6.32 -15.90 9.22
CA PHE A 264 -5.31 -15.11 9.90
C PHE A 264 -3.92 -15.64 9.61
N GLN A 265 -3.10 -14.83 8.96
CA GLN A 265 -1.73 -15.14 8.62
C GLN A 265 -0.83 -14.67 9.75
N PHE A 266 -0.35 -15.64 10.54
CA PHE A 266 0.44 -15.31 11.70
C PHE A 266 1.92 -15.40 11.36
N SER A 267 2.55 -14.28 11.08
CA SER A 267 3.91 -14.21 10.60
C SER A 267 4.96 -14.56 11.64
N GLU A 268 6.14 -14.93 11.13
CA GLU A 268 7.35 -15.01 11.92
C GLU A 268 8.20 -13.76 11.70
N GLY A 269 8.95 -13.33 12.72
CA GLY A 269 9.88 -12.24 12.54
C GLY A 269 9.40 -10.96 13.23
N ASN A 270 9.78 -9.82 12.67
CA ASN A 270 9.67 -8.58 13.40
C ASN A 270 8.25 -7.99 13.45
N THR A 271 7.28 -8.48 12.66
CA THR A 271 5.91 -8.03 12.87
C THR A 271 5.05 -9.08 13.54
N ARG A 272 5.67 -10.15 14.04
CA ARG A 272 4.90 -11.17 14.72
C ARG A 272 4.12 -10.60 15.92
N ALA A 273 4.73 -9.69 16.67
CA ALA A 273 4.09 -9.06 17.81
C ALA A 273 2.87 -8.23 17.40
N VAL A 274 2.90 -7.62 16.21
CA VAL A 274 1.73 -6.92 15.71
C VAL A 274 0.60 -7.91 15.47
N ASP A 275 0.92 -9.02 14.77
CA ASP A 275 -0.06 -10.07 14.52
C ASP A 275 -0.62 -10.66 15.82
N GLU A 276 0.26 -10.86 16.81
CA GLU A 276 -0.14 -11.50 18.07
C GLU A 276 -1.17 -10.65 18.81
N ARG A 277 -0.95 -9.33 18.80
CA ARG A 277 -1.90 -8.40 19.42
C ARG A 277 -3.26 -8.46 18.74
N ALA A 278 -3.28 -8.51 17.39
CA ALA A 278 -4.53 -8.61 16.66
C ALA A 278 -5.23 -9.92 16.96
N LEU A 279 -4.46 -11.03 16.95
CA LEU A 279 -5.06 -12.33 17.18
C LEU A 279 -5.67 -12.43 18.56
N ASN A 280 -4.98 -11.86 19.55
CA ASN A 280 -5.49 -11.84 20.91
C ASN A 280 -6.81 -11.06 20.99
N PHE A 281 -6.90 -9.96 20.26
CA PHE A 281 -8.16 -9.21 20.16
C PHE A 281 -9.29 -10.04 19.57
N LEU A 282 -9.05 -10.71 18.45
CA LEU A 282 -10.06 -11.51 17.82
C LEU A 282 -10.51 -12.62 18.74
N LYS A 283 -9.56 -13.25 19.45
CA LYS A 283 -9.90 -14.31 20.41
C LYS A 283 -10.77 -13.76 21.54
N LYS A 284 -10.44 -12.57 22.05
CA LYS A 284 -11.16 -11.96 23.16
C LYS A 284 -12.59 -11.63 22.76
N TYR A 285 -12.83 -11.32 21.48
CA TYR A 285 -14.19 -11.14 20.97
C TYR A 285 -14.89 -12.41 20.54
N GLY A 286 -14.24 -13.57 20.63
CA GLY A 286 -14.90 -14.83 20.32
C GLY A 286 -15.17 -15.02 18.84
N ARG A 287 -14.32 -14.47 17.96
CA ARG A 287 -14.58 -14.57 16.55
C ARG A 287 -14.10 -15.92 16.03
N ARG A 288 -14.64 -16.33 14.89
CA ARG A 288 -14.19 -17.54 14.21
C ARG A 288 -12.94 -17.19 13.41
N ILE A 289 -11.84 -17.89 13.69
CA ILE A 289 -10.51 -17.59 13.15
C ILE A 289 -9.85 -18.89 12.69
N GLU A 290 -9.34 -18.88 11.46
CA GLU A 290 -8.48 -19.95 11.01
C GLU A 290 -7.07 -19.39 11.04
N VAL A 291 -6.23 -19.92 11.91
CA VAL A 291 -4.89 -19.39 12.12
C VAL A 291 -3.92 -20.25 11.30
N VAL A 292 -3.11 -19.63 10.47
CA VAL A 292 -1.99 -20.26 9.81
C VAL A 292 -0.71 -19.62 10.34
N ASP A 293 0.05 -20.39 11.13
CA ASP A 293 1.14 -19.84 11.90
C ASP A 293 2.48 -20.27 11.35
N ALA A 294 3.29 -19.33 10.86
CA ALA A 294 4.58 -19.63 10.30
C ALA A 294 5.51 -20.28 11.33
N ALA A 295 5.39 -19.92 12.60
CA ALA A 295 6.25 -20.51 13.62
C ALA A 295 5.87 -21.95 13.83
N ALA A 296 4.57 -22.26 13.80
CA ALA A 296 4.15 -23.67 14.00
C ALA A 296 4.60 -24.51 12.82
N LEU A 297 4.83 -23.92 11.63
CA LEU A 297 5.11 -24.65 10.41
C LEU A 297 6.60 -24.73 10.12
N GLY A 298 7.45 -24.31 11.07
CA GLY A 298 8.88 -24.60 11.02
C GLY A 298 9.71 -23.55 10.29
N LEU A 299 9.16 -22.35 10.04
CA LEU A 299 9.94 -21.34 9.35
C LEU A 299 11.16 -20.86 10.15
N SER A 300 11.18 -21.03 11.50
CA SER A 300 12.19 -20.41 12.34
C SER A 300 13.59 -21.02 12.26
N THR A 301 13.79 -22.04 11.43
CA THR A 301 15.15 -22.45 11.12
C THR A 301 15.87 -21.37 10.32
N ILE A 302 15.11 -20.48 9.65
CA ILE A 302 15.71 -19.30 9.01
C ILE A 302 15.97 -18.23 10.05
N LYS A 303 17.17 -17.58 9.97
CA LYS A 303 17.67 -16.65 10.97
C LYS A 303 16.76 -15.46 11.14
N THR A 304 16.69 -14.99 12.40
CA THR A 304 15.83 -13.88 12.80
C THR A 304 16.12 -12.63 11.96
N THR A 305 17.37 -12.51 11.49
CA THR A 305 17.81 -11.35 10.71
C THR A 305 17.11 -11.25 9.36
N VAL A 306 16.60 -12.35 8.82
CA VAL A 306 16.09 -12.36 7.46
C VAL A 306 14.71 -13.03 7.34
N ILE A 307 14.18 -13.64 8.41
CA ILE A 307 13.00 -14.45 8.30
C ILE A 307 11.78 -13.68 7.82
N ASP A 308 11.71 -12.38 8.09
CA ASP A 308 10.56 -11.61 7.63
C ASP A 308 10.31 -11.87 6.13
N TYR A 309 11.39 -11.97 5.35
CA TYR A 309 11.29 -11.97 3.89
C TYR A 309 10.85 -13.30 3.33
N PHE A 310 10.76 -14.33 4.18
CA PHE A 310 10.42 -15.67 3.74
C PHE A 310 8.98 -16.05 4.10
N ASN A 311 8.25 -15.16 4.79
CA ASN A 311 6.86 -15.40 5.07
C ASN A 311 6.02 -15.58 3.80
N HIS A 312 6.22 -14.68 2.82
CA HIS A 312 5.45 -14.75 1.60
C HIS A 312 5.55 -16.13 0.96
N SER A 313 6.79 -16.59 0.72
CA SER A 313 7.03 -17.86 0.07
C SER A 313 6.40 -19.02 0.85
N LEU A 314 6.44 -18.94 2.20
CA LEU A 314 5.78 -19.94 3.00
C LEU A 314 4.27 -19.94 2.76
N PHE A 315 3.60 -18.81 3.06
CA PHE A 315 2.16 -18.80 3.00
C PHE A 315 1.59 -19.01 1.60
N ASN A 316 2.21 -18.36 0.61
CA ASN A 316 1.74 -18.44 -0.77
C ASN A 316 1.82 -19.88 -1.30
N ASN A 317 2.70 -20.70 -0.72
CA ASN A 317 2.85 -22.08 -1.19
C ASN A 317 2.15 -23.06 -0.25
N VAL A 318 1.74 -22.66 0.95
CA VAL A 318 0.95 -23.52 1.85
C VAL A 318 -0.56 -23.33 1.63
N TYR A 319 -1.02 -22.11 1.32
CA TYR A 319 -2.44 -21.86 1.18
C TYR A 319 -3.10 -22.72 0.10
N PRO A 320 -2.43 -23.12 -1.01
CA PRO A 320 -3.08 -24.03 -1.97
C PRO A 320 -3.63 -25.31 -1.33
N VAL A 321 -3.04 -25.78 -0.23
CA VAL A 321 -3.50 -26.99 0.43
C VAL A 321 -4.90 -26.75 0.99
N TYR A 322 -5.06 -25.61 1.66
CA TYR A 322 -6.34 -25.16 2.18
C TYR A 322 -7.32 -24.90 1.06
N ASN A 323 -6.86 -24.24 -0.02
CA ASN A 323 -7.78 -23.81 -1.04
C ASN A 323 -8.29 -25.04 -1.80
N ARG A 324 -7.40 -26.01 -2.02
CA ARG A 324 -7.82 -27.24 -2.72
C ARG A 324 -8.86 -28.00 -1.90
N ALA A 325 -8.62 -28.13 -0.58
CA ALA A 325 -9.54 -28.79 0.31
C ALA A 325 -10.90 -28.09 0.33
N LEU A 326 -10.88 -26.74 0.37
CA LEU A 326 -12.11 -25.98 0.34
C LEU A 326 -12.88 -26.23 -0.96
N ALA A 327 -12.16 -26.25 -2.08
CA ALA A 327 -12.83 -26.45 -3.36
C ALA A 327 -13.48 -27.84 -3.38
N GLU A 328 -12.76 -28.86 -2.89
CA GLU A 328 -13.29 -30.22 -2.89
C GLU A 328 -14.51 -30.34 -1.98
N ALA A 329 -14.50 -29.68 -0.83
CA ALA A 329 -15.63 -29.72 0.08
C ALA A 329 -16.86 -29.06 -0.51
N ARG A 330 -16.67 -28.27 -1.59
CA ARG A 330 -17.75 -27.57 -2.27
C ARG A 330 -18.02 -28.27 -3.61
N GLU A 344 -3.66 -14.23 -13.18
CA GLU A 344 -2.33 -13.66 -13.53
C GLU A 344 -1.38 -13.85 -12.37
N TYR A 345 -0.48 -14.84 -12.49
CA TYR A 345 0.39 -15.24 -11.38
C TYR A 345 1.46 -14.14 -11.17
N MET B 22 1.95 29.73 6.48
CA MET B 22 2.26 28.73 5.41
C MET B 22 2.59 27.38 6.05
N GLY B 23 1.60 26.48 6.07
CA GLY B 23 1.70 25.26 6.86
C GLY B 23 3.07 24.63 6.64
N MET B 24 3.82 24.43 7.75
CA MET B 24 4.97 23.56 7.77
C MET B 24 6.27 24.23 7.36
N LYS B 25 6.23 25.42 6.75
CA LYS B 25 7.43 25.96 6.13
C LYS B 25 8.52 26.25 7.17
N GLU B 26 8.16 26.89 8.29
CA GLU B 26 9.14 27.24 9.32
C GLU B 26 9.60 25.99 10.07
N THR B 27 8.69 25.04 10.30
CA THR B 27 9.08 23.79 10.93
C THR B 27 10.14 23.09 10.09
N VAL B 28 9.86 22.90 8.80
CA VAL B 28 10.81 22.26 7.92
C VAL B 28 12.13 23.05 7.88
N SER B 29 12.05 24.37 7.84
CA SER B 29 13.28 25.17 7.87
C SER B 29 14.14 24.86 9.10
N ASN B 30 13.49 24.75 10.26
CA ASN B 30 14.15 24.43 11.51
C ASN B 30 14.83 23.07 11.43
N ILE B 31 14.20 22.08 10.78
CA ILE B 31 14.75 20.74 10.69
C ILE B 31 15.91 20.67 9.70
N VAL B 32 15.76 21.32 8.55
CA VAL B 32 16.78 21.34 7.53
C VAL B 32 18.03 22.02 8.09
N THR B 33 17.85 23.06 8.93
CA THR B 33 18.97 23.71 9.63
C THR B 33 19.64 22.77 10.64
N SER B 34 18.87 22.17 11.54
CA SER B 34 19.44 21.35 12.60
C SER B 34 20.13 20.11 12.04
N GLN B 35 19.63 19.51 10.95
CA GLN B 35 20.18 18.27 10.48
C GLN B 35 21.30 18.42 9.46
N ALA B 36 21.57 19.65 9.01
CA ALA B 36 22.58 19.85 7.98
C ALA B 36 23.93 19.31 8.46
N GLU B 37 24.24 19.56 9.73
CA GLU B 37 25.52 19.08 10.24
C GLU B 37 25.57 17.56 10.32
N LYS B 38 24.42 16.86 10.32
CA LYS B 38 24.37 15.41 10.39
C LYS B 38 24.34 14.76 9.01
N GLY B 39 24.37 15.56 7.95
CA GLY B 39 24.37 15.03 6.59
C GLY B 39 23.07 15.36 5.84
N GLY B 40 22.13 15.98 6.56
CA GLY B 40 20.92 16.52 5.98
C GLY B 40 19.77 15.50 6.04
N VAL B 41 18.60 15.92 5.60
CA VAL B 41 17.40 15.07 5.56
C VAL B 41 17.45 14.23 4.30
N LYS B 42 17.41 12.90 4.45
CA LYS B 42 17.47 12.00 3.32
C LYS B 42 16.25 11.05 3.25
N HIS B 43 15.51 10.94 4.35
CA HIS B 43 14.45 9.96 4.48
C HIS B 43 13.29 10.61 5.22
N VAL B 44 12.07 10.40 4.71
CA VAL B 44 10.86 10.89 5.35
C VAL B 44 9.96 9.71 5.67
N TYR B 45 9.47 9.65 6.91
CA TYR B 45 8.58 8.58 7.32
C TYR B 45 7.28 9.20 7.81
N TYR B 46 6.17 8.75 7.23
CA TYR B 46 4.83 9.12 7.70
C TYR B 46 4.27 7.93 8.45
N VAL B 47 3.90 8.17 9.71
CA VAL B 47 3.59 7.08 10.61
C VAL B 47 2.28 7.42 11.33
N ALA B 48 1.29 6.52 11.21
CA ALA B 48 -0.02 6.70 11.84
C ALA B 48 -0.81 5.42 11.80
N CYS B 49 -1.97 5.45 12.49
CA CYS B 49 -2.99 4.42 12.42
C CYS B 49 -4.32 5.03 11.99
N GLY B 50 -5.22 4.16 11.54
CA GLY B 50 -6.57 4.61 11.24
C GLY B 50 -6.64 5.64 10.14
N GLY B 51 -7.59 6.56 10.32
CA GLY B 51 -7.82 7.59 9.34
C GLY B 51 -6.56 8.35 9.02
N SER B 52 -5.69 8.52 10.02
CA SER B 52 -4.53 9.37 9.84
C SER B 52 -3.55 8.70 8.89
N TYR B 53 -3.55 7.34 8.85
CA TYR B 53 -2.65 6.67 7.93
C TYR B 53 -3.09 6.95 6.49
N ALA B 54 -4.39 6.78 6.20
CA ALA B 54 -4.86 6.98 4.85
C ALA B 54 -4.67 8.44 4.42
N ALA B 55 -4.79 9.37 5.38
CA ALA B 55 -4.65 10.78 5.13
C ALA B 55 -3.23 11.16 4.71
N PHE B 56 -2.24 10.29 4.97
CA PHE B 56 -0.88 10.57 4.56
C PHE B 56 -0.56 9.97 3.18
N TYR B 57 -1.48 9.25 2.56
CA TYR B 57 -1.16 8.64 1.28
C TYR B 57 -0.78 9.71 0.25
N PRO B 58 -1.47 10.87 0.15
CA PRO B 58 -1.06 11.87 -0.81
C PRO B 58 0.39 12.33 -0.65
N ALA B 59 0.88 12.44 0.60
CA ALA B 59 2.28 12.83 0.83
C ALA B 59 3.26 11.78 0.33
N LYS B 60 2.94 10.50 0.56
CA LYS B 60 3.71 9.39 0.01
C LYS B 60 3.73 9.45 -1.52
N ALA B 61 2.57 9.63 -2.15
CA ALA B 61 2.50 9.68 -3.59
C ALA B 61 3.29 10.87 -4.14
N PHE B 62 3.19 12.02 -3.47
CA PHE B 62 3.93 13.22 -3.83
C PHE B 62 5.44 12.94 -3.86
N LEU B 63 6.00 12.41 -2.76
CA LEU B 63 7.44 12.22 -2.76
C LEU B 63 7.87 11.11 -3.72
N GLU B 64 7.06 10.07 -3.90
CA GLU B 64 7.40 9.04 -4.89
C GLU B 64 7.49 9.61 -6.29
N LYS B 65 6.56 10.48 -6.66
CA LYS B 65 6.57 11.06 -7.99
C LYS B 65 7.66 12.11 -8.15
N GLU B 66 7.87 12.97 -7.16
CA GLU B 66 8.55 14.23 -7.38
C GLU B 66 10.00 14.25 -6.93
N ALA B 67 10.42 13.34 -6.05
CA ALA B 67 11.72 13.44 -5.38
C ALA B 67 12.78 12.62 -6.10
N LYS B 68 14.01 13.14 -6.18
CA LYS B 68 15.14 12.36 -6.67
C LYS B 68 16.15 11.95 -5.59
N ALA B 69 16.09 12.55 -4.40
CA ALA B 69 17.08 12.30 -3.35
C ALA B 69 16.47 12.20 -1.95
N LEU B 70 15.16 12.04 -1.85
CA LEU B 70 14.49 11.79 -0.58
C LEU B 70 13.82 10.43 -0.75
N THR B 71 13.88 9.58 0.27
CA THR B 71 13.07 8.37 0.30
C THR B 71 11.82 8.75 1.09
N VAL B 72 10.72 8.04 0.82
CA VAL B 72 9.52 8.23 1.61
C VAL B 72 9.00 6.85 1.97
N GLY B 73 8.51 6.71 3.22
CA GLY B 73 7.87 5.49 3.65
C GLY B 73 6.66 5.80 4.48
N LEU B 74 5.59 5.08 4.23
CA LEU B 74 4.34 5.26 4.96
C LEU B 74 4.13 3.97 5.75
N TYR B 75 3.98 4.14 7.06
CA TYR B 75 3.90 3.01 7.97
C TYR B 75 2.67 3.10 8.83
N ASN B 76 2.07 1.94 9.08
CA ASN B 76 1.25 1.74 10.27
C ASN B 76 2.10 1.83 11.54
N SER B 77 1.60 2.51 12.58
CA SER B 77 2.41 2.77 13.75
C SER B 77 2.88 1.48 14.40
N GLY B 78 2.01 0.48 14.51
CA GLY B 78 2.44 -0.79 15.10
C GLY B 78 3.58 -1.46 14.33
N GLU B 79 3.47 -1.49 13.02
CA GLU B 79 4.55 -2.05 12.21
C GLU B 79 5.83 -1.25 12.41
N PHE B 80 5.72 0.08 12.41
CA PHE B 80 6.91 0.91 12.54
C PHE B 80 7.65 0.67 13.85
N ILE B 81 6.93 0.55 14.97
CA ILE B 81 7.61 0.41 16.25
C ILE B 81 8.20 -0.99 16.43
N ASN B 82 7.63 -1.98 15.75
CA ASN B 82 8.13 -3.34 15.87
C ASN B 82 9.23 -3.64 14.88
N ASN B 83 9.23 -2.90 13.76
CA ASN B 83 10.17 -3.19 12.70
C ASN B 83 10.66 -1.90 12.06
N PRO B 84 11.32 -1.01 12.82
CA PRO B 84 11.75 0.27 12.29
C PRO B 84 12.81 0.10 11.20
N PRO B 85 12.79 0.93 10.16
CA PRO B 85 13.80 0.84 9.10
C PRO B 85 15.20 1.18 9.61
N VAL B 86 16.23 0.57 9.01
CA VAL B 86 17.60 0.85 9.44
C VAL B 86 17.95 2.31 9.18
N ALA B 87 17.28 3.01 8.24
CA ALA B 87 17.56 4.40 7.94
C ALA B 87 17.00 5.38 8.96
N LEU B 88 16.25 4.88 9.94
CA LEU B 88 15.72 5.70 11.02
C LEU B 88 16.87 6.22 11.87
N GLY B 89 17.15 7.50 11.74
CA GLY B 89 18.31 8.09 12.41
C GLY B 89 18.36 9.58 12.13
N GLU B 90 19.59 10.15 12.18
CA GLU B 90 19.71 11.59 12.13
C GLU B 90 19.46 12.14 10.73
N ASN B 91 19.37 11.29 9.70
CA ASN B 91 19.07 11.73 8.35
C ASN B 91 17.62 11.44 7.98
N ALA B 92 16.79 11.11 8.96
CA ALA B 92 15.36 10.89 8.77
C ALA B 92 14.52 11.95 9.49
N VAL B 93 13.34 12.22 8.95
CA VAL B 93 12.32 13.01 9.64
C VAL B 93 11.11 12.09 9.74
N VAL B 94 10.46 12.07 10.89
CA VAL B 94 9.27 11.30 11.16
C VAL B 94 8.11 12.24 11.41
N VAL B 95 7.05 12.05 10.62
CA VAL B 95 5.83 12.80 10.78
C VAL B 95 4.75 11.85 11.29
N VAL B 96 4.28 12.11 12.51
CA VAL B 96 3.27 11.29 13.13
C VAL B 96 1.98 12.08 13.25
N ALA B 97 0.86 11.36 13.20
CA ALA B 97 -0.43 11.99 13.34
C ALA B 97 -1.31 11.12 14.25
N SER B 98 -2.04 11.81 15.15
CA SER B 98 -3.03 11.23 16.01
C SER B 98 -4.01 12.35 16.37
N HIS B 99 -5.26 12.23 15.95
CA HIS B 99 -6.22 13.32 16.11
C HIS B 99 -6.31 13.78 17.57
N LYS B 100 -6.48 12.84 18.52
CA LYS B 100 -6.60 13.21 19.93
C LYS B 100 -5.27 13.13 20.66
N GLY B 101 -4.23 12.64 20.00
CA GLY B 101 -2.91 12.69 20.57
C GLY B 101 -2.68 11.62 21.62
N ASN B 102 -3.51 10.58 21.59
CA ASN B 102 -3.52 9.57 22.63
C ASN B 102 -3.21 8.17 22.07
N THR B 103 -2.97 8.01 20.76
CA THR B 103 -2.87 6.67 20.16
C THR B 103 -1.56 6.03 20.65
N PRO B 104 -1.55 4.96 21.48
CA PRO B 104 -0.28 4.56 22.09
C PRO B 104 0.84 4.17 21.12
N GLU B 105 0.52 3.42 20.05
CA GLU B 105 1.52 2.99 19.11
C GLU B 105 2.17 4.21 18.45
N THR B 106 1.33 5.22 18.17
CA THR B 106 1.85 6.40 17.49
C THR B 106 2.75 7.23 18.41
N ILE B 107 2.36 7.33 19.69
CA ILE B 107 3.23 7.95 20.67
C ILE B 107 4.56 7.22 20.79
N LYS B 108 4.49 5.90 20.81
CA LYS B 108 5.69 5.08 20.85
C LYS B 108 6.54 5.28 19.60
N ALA B 109 5.94 5.48 18.41
CA ALA B 109 6.70 5.76 17.21
C ALA B 109 7.51 7.06 17.31
N ALA B 110 6.88 8.09 17.87
CA ALA B 110 7.57 9.36 18.04
C ALA B 110 8.74 9.15 19.01
N GLU B 111 8.47 8.37 20.06
CA GLU B 111 9.48 8.13 21.08
C GLU B 111 10.69 7.39 20.49
N ILE B 112 10.45 6.31 19.75
CA ILE B 112 11.54 5.59 19.10
C ILE B 112 12.30 6.45 18.11
N ALA B 113 11.61 7.30 17.35
CA ALA B 113 12.29 8.18 16.44
C ALA B 113 13.25 9.11 17.17
N ARG B 114 12.78 9.71 18.28
CA ARG B 114 13.63 10.64 19.03
C ARG B 114 14.84 9.92 19.64
N GLN B 115 14.66 8.64 20.00
CA GLN B 115 15.75 7.84 20.55
C GLN B 115 16.84 7.63 19.51
N HIS B 116 16.47 7.63 18.23
CA HIS B 116 17.38 7.43 17.12
C HIS B 116 17.89 8.74 16.53
N GLY B 117 17.47 9.87 17.06
CA GLY B 117 17.95 11.16 16.65
C GLY B 117 17.23 11.70 15.42
N ALA B 118 16.05 11.14 15.12
CA ALA B 118 15.28 11.69 14.01
C ALA B 118 14.34 12.76 14.53
N PRO B 119 14.33 13.96 13.93
CA PRO B 119 13.33 14.93 14.31
C PRO B 119 11.91 14.43 14.04
N VAL B 120 11.01 14.72 14.97
CA VAL B 120 9.62 14.29 14.92
C VAL B 120 8.71 15.49 14.79
N ILE B 121 7.86 15.49 13.75
CA ILE B 121 6.76 16.45 13.62
C ILE B 121 5.47 15.73 13.99
N GLY B 122 4.73 16.23 14.97
CA GLY B 122 3.45 15.65 15.33
C GLY B 122 2.29 16.50 14.83
N LEU B 123 1.31 15.83 14.22
CA LEU B 123 0.06 16.43 13.79
C LEU B 123 -1.05 15.96 14.72
N THR B 124 -1.70 16.91 15.42
CA THR B 124 -2.77 16.58 16.34
C THR B 124 -3.73 17.75 16.45
N TRP B 125 -4.96 17.44 16.88
CA TRP B 125 -5.96 18.47 17.14
C TRP B 125 -5.89 18.95 18.60
N ILE B 126 -5.33 18.12 19.49
CA ILE B 126 -5.32 18.38 20.92
C ILE B 126 -3.90 18.74 21.34
N MET B 127 -3.65 20.03 21.61
CA MET B 127 -2.29 20.53 21.71
C MET B 127 -1.68 20.27 23.11
N ASP B 128 -2.42 19.70 24.05
CA ASP B 128 -1.87 19.32 25.34
C ASP B 128 -2.00 17.81 25.55
N SER B 129 -1.99 17.03 24.46
CA SER B 129 -2.18 15.60 24.52
C SER B 129 -0.87 14.90 24.85
N PRO B 130 -0.93 13.62 25.23
CA PRO B 130 0.29 12.86 25.51
C PRO B 130 1.31 12.83 24.37
N LEU B 131 0.84 12.86 23.12
CA LEU B 131 1.74 12.82 21.98
C LEU B 131 2.75 13.96 21.98
N VAL B 132 2.31 15.15 22.38
CA VAL B 132 3.09 16.37 22.21
C VAL B 132 4.42 16.32 22.96
N ALA B 133 4.43 15.63 24.08
CA ALA B 133 5.64 15.48 24.87
C ALA B 133 6.75 14.71 24.16
N HIS B 134 6.45 13.99 23.05
CA HIS B 134 7.42 13.14 22.38
C HIS B 134 7.74 13.65 20.97
N CYS B 135 7.28 14.87 20.68
CA CYS B 135 7.55 15.49 19.39
C CYS B 135 8.49 16.66 19.57
N ASP B 136 9.32 16.89 18.56
CA ASP B 136 10.15 18.07 18.47
C ASP B 136 9.35 19.29 18.01
N TYR B 137 8.34 19.05 17.14
CA TYR B 137 7.56 20.11 16.54
C TYR B 137 6.13 19.61 16.50
N VAL B 138 5.20 20.48 16.81
CA VAL B 138 3.81 20.11 16.82
C VAL B 138 3.09 21.07 15.88
N GLU B 139 2.28 20.47 14.99
CA GLU B 139 1.45 21.23 14.08
C GLU B 139 0.01 20.77 14.25
N THR B 140 -0.92 21.70 14.04
CA THR B 140 -2.32 21.33 14.14
C THR B 140 -2.97 21.60 12.79
N TYR B 141 -4.29 21.48 12.77
CA TYR B 141 -5.01 21.55 11.50
C TYR B 141 -6.44 21.93 11.77
N THR B 142 -7.17 22.32 10.71
CA THR B 142 -8.57 22.68 10.83
C THR B 142 -9.41 21.41 10.90
N PHE B 143 -10.56 21.47 11.57
CA PHE B 143 -11.36 20.30 11.83
C PHE B 143 -12.80 20.74 12.13
N GLY B 144 -13.74 19.89 11.77
CA GLY B 144 -15.13 20.07 12.14
C GLY B 144 -15.88 20.66 10.96
N ASP B 145 -17.20 20.74 11.04
CA ASP B 145 -17.95 21.40 9.98
C ASP B 145 -17.49 22.85 9.93
N GLY B 146 -17.47 23.43 8.73
CA GLY B 146 -16.99 24.78 8.59
C GLY B 146 -15.47 24.83 8.44
N LYS B 147 -14.81 23.67 8.31
CA LYS B 147 -13.36 23.75 8.25
C LYS B 147 -12.84 24.28 6.90
N ASP B 148 -11.73 25.00 7.00
CA ASP B 148 -11.00 25.48 5.85
C ASP B 148 -10.07 24.39 5.32
N ILE B 149 -10.38 23.91 4.13
CA ILE B 149 -9.65 22.76 3.55
C ILE B 149 -8.17 23.08 3.39
N ALA B 150 -7.77 24.35 3.21
CA ALA B 150 -6.38 24.67 3.01
C ALA B 150 -5.55 24.28 4.23
N GLY B 151 -6.21 24.21 5.40
CA GLY B 151 -5.54 23.89 6.64
C GLY B 151 -5.80 22.49 7.17
N GLU B 152 -6.49 21.62 6.43
CA GLU B 152 -6.98 20.36 6.97
C GLU B 152 -5.79 19.40 7.16
N LYS B 153 -6.01 18.32 7.91
CA LYS B 153 -4.93 17.39 8.22
C LYS B 153 -4.24 16.89 6.95
N THR B 154 -5.01 16.41 5.94
CA THR B 154 -4.37 15.91 4.74
C THR B 154 -3.43 16.95 4.12
N MET B 155 -3.92 18.20 4.05
CA MET B 155 -3.15 19.26 3.46
C MET B 155 -1.89 19.58 4.24
N LYS B 156 -1.95 19.54 5.56
CA LYS B 156 -0.75 19.65 6.38
C LYS B 156 0.29 18.56 6.10
N GLY B 157 -0.18 17.33 5.93
CA GLY B 157 0.69 16.24 5.55
C GLY B 157 1.40 16.52 4.23
N LEU B 158 0.61 16.93 3.22
CA LEU B 158 1.14 17.23 1.92
C LEU B 158 2.13 18.38 2.00
N LEU B 159 1.81 19.43 2.77
CA LEU B 159 2.72 20.57 2.82
C LEU B 159 4.01 20.19 3.51
N SER B 160 4.01 19.19 4.42
CA SER B 160 5.27 18.72 4.99
C SER B 160 6.18 18.20 3.87
N ALA B 161 5.58 17.40 2.96
CA ALA B 161 6.33 16.80 1.85
C ALA B 161 6.79 17.84 0.85
N VAL B 162 5.89 18.78 0.52
CA VAL B 162 6.21 19.83 -0.43
C VAL B 162 7.34 20.68 0.13
N GLU B 163 7.24 21.02 1.39
CA GLU B 163 8.27 21.86 2.00
C GLU B 163 9.60 21.11 2.17
N LEU B 164 9.55 19.83 2.60
CA LEU B 164 10.76 19.04 2.69
C LEU B 164 11.45 18.92 1.34
N LEU B 165 10.70 18.71 0.24
CA LEU B 165 11.28 18.63 -1.07
C LEU B 165 11.87 20.00 -1.45
N GLN B 166 11.06 21.04 -1.33
CA GLN B 166 11.50 22.36 -1.77
C GLN B 166 12.79 22.77 -1.05
N GLN B 167 12.87 22.49 0.25
CA GLN B 167 13.97 23.01 1.05
C GLN B 167 15.21 22.11 1.00
N THR B 168 15.15 20.94 0.35
CA THR B 168 16.30 20.05 0.25
C THR B 168 16.79 20.06 -1.19
N GLU B 169 15.97 19.62 -2.15
CA GLU B 169 16.35 19.46 -3.54
C GLU B 169 15.81 20.56 -4.44
N GLY B 170 14.78 21.28 -3.97
CA GLY B 170 13.99 22.12 -4.84
C GLY B 170 12.84 21.36 -5.50
N TYR B 171 11.73 22.07 -5.72
CA TYR B 171 10.52 21.52 -6.30
C TYR B 171 10.09 22.48 -7.40
N ALA B 172 10.09 21.97 -8.63
CA ALA B 172 9.82 22.80 -9.81
C ALA B 172 8.42 23.37 -9.81
N HIS B 173 7.45 22.74 -9.14
CA HIS B 173 6.07 23.15 -9.26
C HIS B 173 5.55 23.75 -7.96
N TYR B 174 6.45 24.26 -7.13
CA TYR B 174 6.09 24.83 -5.86
C TYR B 174 4.98 25.89 -6.00
N ASP B 175 5.17 26.85 -6.90
CA ASP B 175 4.21 27.92 -6.99
C ASP B 175 2.85 27.41 -7.44
N ASP B 176 2.83 26.46 -8.39
CA ASP B 176 1.61 25.85 -8.85
C ASP B 176 0.90 25.16 -7.68
N PHE B 177 1.70 24.47 -6.86
CA PHE B 177 1.13 23.80 -5.69
C PHE B 177 0.45 24.79 -4.75
N GLN B 178 1.15 25.86 -4.39
CA GLN B 178 0.58 26.88 -3.51
C GLN B 178 -0.67 27.51 -4.14
N ASP B 179 -0.70 27.69 -5.45
CA ASP B 179 -1.89 28.16 -6.13
C ASP B 179 -3.06 27.19 -5.91
N GLY B 180 -2.78 25.88 -6.00
CA GLY B 180 -3.78 24.86 -5.67
C GLY B 180 -4.33 24.99 -4.24
N VAL B 181 -3.42 25.18 -3.28
CA VAL B 181 -3.81 25.38 -1.90
C VAL B 181 -4.76 26.56 -1.75
N SER B 182 -4.52 27.61 -2.53
CA SER B 182 -5.32 28.83 -2.41
C SER B 182 -6.70 28.66 -3.05
N LYS B 183 -6.91 27.58 -3.82
CA LYS B 183 -8.14 27.32 -4.54
C LYS B 183 -8.98 26.23 -3.91
N ILE B 184 -8.39 25.34 -3.09
CA ILE B 184 -9.06 24.09 -2.85
C ILE B 184 -10.27 24.25 -1.92
N ASN B 185 -10.23 25.16 -0.92
CA ASN B 185 -11.39 25.34 -0.06
C ASN B 185 -12.64 25.69 -0.88
N ARG B 186 -12.50 26.67 -1.74
CA ARG B 186 -13.60 27.09 -2.60
C ARG B 186 -14.12 25.97 -3.47
N ILE B 187 -13.20 25.21 -4.12
CA ILE B 187 -13.61 24.07 -4.92
C ILE B 187 -14.44 23.09 -4.10
N VAL B 188 -13.96 22.73 -2.92
CA VAL B 188 -14.57 21.70 -2.12
C VAL B 188 -15.95 22.13 -1.68
N TRP B 189 -16.08 23.34 -1.13
CA TRP B 189 -17.38 23.71 -0.57
C TRP B 189 -18.42 23.96 -1.68
N ARG B 190 -17.97 24.47 -2.83
CA ARG B 190 -18.86 24.59 -3.99
C ARG B 190 -19.31 23.20 -4.46
N ALA B 191 -18.38 22.25 -4.48
CA ALA B 191 -18.73 20.90 -4.89
C ALA B 191 -19.74 20.27 -3.95
N CYS B 192 -19.62 20.51 -2.66
CA CYS B 192 -20.58 19.93 -1.71
C CYS B 192 -21.99 20.42 -2.00
N GLU B 193 -22.13 21.68 -2.41
CA GLU B 193 -23.45 22.17 -2.76
C GLU B 193 -23.93 21.59 -4.08
N GLN B 194 -23.01 21.49 -5.04
CA GLN B 194 -23.31 20.99 -6.35
C GLN B 194 -23.89 19.58 -6.30
N VAL B 195 -23.39 18.71 -5.43
CA VAL B 195 -23.82 17.31 -5.41
C VAL B 195 -25.02 17.06 -4.52
N ALA B 196 -25.57 18.09 -3.86
CA ALA B 196 -26.60 17.82 -2.86
C ALA B 196 -27.79 17.05 -3.43
N GLU B 197 -28.29 17.42 -4.60
CA GLU B 197 -29.48 16.76 -5.14
C GLU B 197 -29.14 15.34 -5.54
N ARG B 198 -27.98 15.18 -6.15
CA ARG B 198 -27.55 13.87 -6.55
C ARG B 198 -27.37 12.97 -5.33
N ALA B 199 -26.89 13.51 -4.20
CA ALA B 199 -26.72 12.70 -3.00
C ALA B 199 -28.08 12.18 -2.50
N GLN B 200 -29.14 12.98 -2.64
CA GLN B 200 -30.47 12.49 -2.26
C GLN B 200 -30.90 11.30 -3.13
N ALA B 201 -30.62 11.37 -4.43
CA ALA B 201 -31.05 10.33 -5.36
C ALA B 201 -30.23 9.06 -5.16
N PHE B 202 -28.92 9.24 -4.94
CA PHE B 202 -28.05 8.15 -4.55
C PHE B 202 -28.62 7.39 -3.34
N ALA B 203 -29.06 8.13 -2.33
CA ALA B 203 -29.47 7.54 -1.06
C ALA B 203 -30.72 6.70 -1.29
N GLN B 204 -31.63 7.20 -2.10
CA GLN B 204 -32.84 6.44 -2.42
C GLN B 204 -32.47 5.19 -3.23
N GLU B 205 -31.48 5.28 -4.13
CA GLU B 205 -31.14 4.13 -4.97
C GLU B 205 -30.39 3.06 -4.19
N TYR B 206 -29.65 3.39 -3.14
CA TYR B 206 -28.75 2.42 -2.53
C TYR B 206 -29.07 2.19 -1.05
N LYS B 207 -30.19 2.70 -0.56
CA LYS B 207 -30.51 2.57 0.85
C LYS B 207 -30.68 1.10 1.26
N ASP B 208 -30.94 0.19 0.31
CA ASP B 208 -31.16 -1.21 0.64
C ASP B 208 -29.99 -2.09 0.21
N ASP B 209 -28.87 -1.49 -0.20
CA ASP B 209 -27.69 -2.22 -0.64
C ASP B 209 -26.73 -2.43 0.53
N LYS B 210 -26.49 -3.71 0.83
CA LYS B 210 -25.71 -4.16 1.98
C LYS B 210 -24.22 -3.89 1.78
N VAL B 211 -23.76 -3.91 0.53
CA VAL B 211 -22.34 -3.87 0.21
C VAL B 211 -22.19 -2.97 -1.01
N ILE B 212 -21.13 -2.15 -1.00
CA ILE B 212 -20.82 -1.26 -2.11
C ILE B 212 -19.29 -1.23 -2.26
N TYR B 213 -18.77 -1.57 -3.44
CA TYR B 213 -17.34 -1.45 -3.67
C TYR B 213 -16.95 -0.01 -3.92
N THR B 214 -15.73 0.39 -3.54
CA THR B 214 -15.22 1.64 -3.99
C THR B 214 -14.07 1.37 -4.97
N VAL B 215 -13.81 2.34 -5.83
CA VAL B 215 -12.84 2.20 -6.91
C VAL B 215 -12.07 3.52 -7.04
N ALA B 216 -10.73 3.44 -7.13
CA ALA B 216 -9.91 4.63 -7.28
C ALA B 216 -8.48 4.27 -7.66
N SER B 217 -7.72 5.30 -7.99
CA SER B 217 -6.29 5.17 -8.25
C SER B 217 -5.56 6.45 -7.96
N GLY B 218 -4.21 6.40 -7.92
CA GLY B 218 -3.38 7.57 -7.83
C GLY B 218 -3.33 8.16 -6.42
N ALA B 219 -2.96 9.43 -6.37
CA ALA B 219 -2.66 10.13 -5.11
C ALA B 219 -3.90 10.28 -4.23
N GLY B 220 -5.10 10.15 -4.78
CA GLY B 220 -6.34 10.22 -4.01
C GLY B 220 -6.91 8.88 -3.55
N TYR B 221 -6.18 7.78 -3.70
CA TYR B 221 -6.66 6.47 -3.36
C TYR B 221 -7.10 6.34 -1.90
N GLY B 222 -6.34 6.97 -0.99
CA GLY B 222 -6.67 6.90 0.43
C GLY B 222 -8.07 7.39 0.76
N ALA B 223 -8.57 8.39 0.01
CA ALA B 223 -9.94 8.85 0.23
C ALA B 223 -10.98 7.80 -0.11
N ALA B 224 -10.69 6.98 -1.13
CA ALA B 224 -11.57 5.91 -1.52
C ALA B 224 -11.55 4.84 -0.45
N TYR B 225 -10.38 4.60 0.10
CA TYR B 225 -10.24 3.58 1.14
C TYR B 225 -11.04 4.01 2.36
N LEU B 226 -10.92 5.28 2.75
CA LEU B 226 -11.71 5.79 3.86
C LEU B 226 -13.21 5.73 3.58
N GLN B 227 -13.62 5.96 2.33
CA GLN B 227 -15.02 5.82 1.99
C GLN B 227 -15.53 4.38 2.10
N SER B 228 -14.66 3.41 1.79
CA SER B 228 -15.03 2.02 2.00
C SER B 228 -15.34 1.74 3.48
N ILE B 229 -14.60 2.37 4.38
CA ILE B 229 -14.88 2.22 5.82
C ILE B 229 -16.21 2.88 6.20
N CYS B 230 -16.47 4.08 5.64
CA CYS B 230 -17.72 4.80 5.88
C CYS B 230 -18.92 3.98 5.42
N ILE B 231 -18.82 3.35 4.26
CA ILE B 231 -19.90 2.51 3.78
C ILE B 231 -20.14 1.32 4.71
N PHE B 232 -19.04 0.69 5.17
CA PHE B 232 -19.14 -0.46 6.06
C PHE B 232 -19.81 -0.08 7.39
N MET B 233 -19.44 1.08 7.91
CA MET B 233 -20.00 1.59 9.16
C MET B 233 -21.49 1.87 9.01
N GLU B 234 -21.93 2.34 7.84
CA GLU B 234 -23.34 2.65 7.63
C GLU B 234 -24.13 1.35 7.49
N MET B 235 -23.66 0.44 6.64
CA MET B 235 -24.38 -0.75 6.28
C MET B 235 -24.19 -1.86 7.30
N GLN B 236 -23.05 -1.89 7.97
CA GLN B 236 -22.83 -2.84 9.05
C GLN B 236 -23.03 -4.26 8.52
N TRP B 237 -22.55 -4.51 7.31
CA TRP B 237 -22.62 -5.86 6.76
C TRP B 237 -21.19 -6.38 6.58
N ILE B 238 -20.58 -6.17 5.40
CA ILE B 238 -19.24 -6.64 5.06
C ILE B 238 -18.39 -5.45 4.62
N HIS B 239 -17.14 -5.40 5.04
CA HIS B 239 -16.17 -4.43 4.53
C HIS B 239 -15.62 -4.96 3.22
N SER B 240 -16.10 -4.39 2.12
CA SER B 240 -15.70 -4.83 0.80
C SER B 240 -14.43 -4.10 0.36
N ALA B 241 -13.83 -4.67 -0.70
CA ALA B 241 -12.57 -4.19 -1.27
C ALA B 241 -12.71 -2.77 -1.77
N CYS B 242 -11.63 -2.01 -1.51
CA CYS B 242 -11.41 -0.77 -2.22
C CYS B 242 -10.50 -1.12 -3.40
N ILE B 243 -11.08 -1.17 -4.59
CA ILE B 243 -10.41 -1.73 -5.76
C ILE B 243 -9.60 -0.64 -6.43
N HIS B 244 -8.32 -0.92 -6.65
CA HIS B 244 -7.50 -0.05 -7.47
C HIS B 244 -7.90 -0.18 -8.94
N SER B 245 -8.10 0.96 -9.61
CA SER B 245 -8.60 1.02 -10.98
C SER B 245 -7.76 0.21 -11.97
N GLY B 246 -6.49 0.07 -11.68
CA GLY B 246 -5.57 -0.63 -12.57
C GLY B 246 -5.57 -2.15 -12.35
N GLU B 247 -6.38 -2.65 -11.41
CA GLU B 247 -6.33 -4.06 -11.03
C GLU B 247 -7.64 -4.80 -11.31
N PHE B 248 -8.52 -4.26 -12.18
CA PHE B 248 -9.73 -4.92 -12.64
C PHE B 248 -9.47 -5.89 -13.79
N PHE B 249 -8.34 -5.68 -14.44
CA PHE B 249 -7.98 -6.45 -15.61
C PHE B 249 -7.10 -7.61 -15.17
N HIS B 250 -6.91 -7.75 -13.84
CA HIS B 250 -5.86 -8.59 -13.28
C HIS B 250 -6.18 -9.12 -11.87
N GLY B 251 -7.45 -9.38 -11.50
CA GLY B 251 -7.73 -10.06 -10.24
C GLY B 251 -9.22 -10.25 -9.96
N GLU B 254 -14.12 -9.64 -10.41
CA GLU B 254 -15.01 -10.42 -11.31
C GLU B 254 -16.46 -10.04 -11.02
N ILE B 255 -17.32 -10.05 -12.04
CA ILE B 255 -18.74 -9.82 -11.81
C ILE B 255 -19.32 -11.11 -11.23
N THR B 256 -19.97 -11.03 -10.06
CA THR B 256 -20.65 -12.21 -9.54
C THR B 256 -22.16 -11.95 -9.46
N ASP B 257 -22.87 -13.03 -9.04
CA ASP B 257 -24.30 -13.01 -8.82
C ASP B 257 -24.70 -11.94 -7.80
N ALA B 258 -23.78 -11.57 -6.89
CA ALA B 258 -24.12 -10.65 -5.82
C ALA B 258 -24.59 -9.30 -6.36
N ASN B 259 -24.25 -8.98 -7.63
CA ASN B 259 -24.65 -7.74 -8.29
C ASN B 259 -24.28 -6.49 -7.46
N THR B 260 -23.10 -6.50 -6.85
CA THR B 260 -22.67 -5.42 -5.99
C THR B 260 -22.55 -4.12 -6.78
N PRO B 261 -23.04 -2.96 -6.28
CA PRO B 261 -22.77 -1.69 -6.94
C PRO B 261 -21.40 -1.11 -6.61
N PHE B 262 -21.03 -0.06 -7.35
CA PHE B 262 -19.72 0.59 -7.27
C PHE B 262 -19.87 2.08 -6.97
N PHE B 263 -19.08 2.59 -6.01
CA PHE B 263 -18.92 4.01 -5.77
C PHE B 263 -17.56 4.40 -6.34
N PHE B 264 -17.59 5.08 -7.48
CA PHE B 264 -16.44 5.24 -8.35
C PHE B 264 -15.84 6.64 -8.26
N GLN B 265 -14.57 6.71 -7.85
CA GLN B 265 -13.85 7.97 -7.68
C GLN B 265 -13.08 8.22 -8.97
N PHE B 266 -13.55 9.18 -9.79
CA PHE B 266 -12.98 9.46 -11.08
C PHE B 266 -12.09 10.70 -10.96
N SER B 267 -10.78 10.46 -10.86
CA SER B 267 -9.78 11.47 -10.57
C SER B 267 -9.53 12.40 -11.76
N GLU B 268 -8.94 13.57 -11.46
CA GLU B 268 -8.34 14.45 -12.42
C GLU B 268 -6.82 14.26 -12.31
N GLY B 269 -6.14 14.31 -13.44
CA GLY B 269 -4.68 14.31 -13.45
C GLY B 269 -4.13 13.04 -14.10
N ASN B 270 -2.95 12.61 -13.63
CA ASN B 270 -2.16 11.66 -14.41
C ASN B 270 -2.70 10.25 -14.34
N THR B 271 -3.58 9.91 -13.40
CA THR B 271 -4.16 8.57 -13.43
C THR B 271 -5.62 8.60 -13.90
N ARG B 272 -6.12 9.76 -14.36
CA ARG B 272 -7.47 9.81 -14.90
C ARG B 272 -7.66 8.75 -15.99
N ALA B 273 -6.65 8.54 -16.84
CA ALA B 273 -6.74 7.53 -17.90
C ALA B 273 -6.85 6.13 -17.33
N VAL B 274 -6.24 5.84 -16.18
CA VAL B 274 -6.41 4.55 -15.54
C VAL B 274 -7.85 4.36 -15.06
N ASP B 275 -8.39 5.40 -14.41
CA ASP B 275 -9.77 5.37 -13.95
C ASP B 275 -10.77 5.22 -15.13
N GLU B 276 -10.52 5.93 -16.20
CA GLU B 276 -11.44 5.92 -17.35
C GLU B 276 -11.54 4.55 -18.01
N ARG B 277 -10.42 3.83 -18.06
CA ARG B 277 -10.43 2.45 -18.52
C ARG B 277 -11.34 1.58 -17.67
N ALA B 278 -11.26 1.68 -16.32
CA ALA B 278 -12.10 0.90 -15.44
C ALA B 278 -13.55 1.32 -15.58
N LEU B 279 -13.80 2.62 -15.68
CA LEU B 279 -15.16 3.07 -15.73
C LEU B 279 -15.86 2.54 -16.98
N ASN B 280 -15.15 2.59 -18.10
CA ASN B 280 -15.66 2.12 -19.39
C ASN B 280 -16.04 0.63 -19.31
N PHE B 281 -15.21 -0.16 -18.63
CA PHE B 281 -15.51 -1.56 -18.42
C PHE B 281 -16.79 -1.72 -17.62
N LEU B 282 -16.93 -1.00 -16.48
CA LEU B 282 -18.11 -1.19 -15.64
C LEU B 282 -19.37 -0.80 -16.40
N LYS B 283 -19.26 0.23 -17.22
CA LYS B 283 -20.39 0.76 -17.96
C LYS B 283 -20.81 -0.29 -18.99
N LYS B 284 -19.81 -0.88 -19.66
CA LYS B 284 -20.07 -1.85 -20.71
C LYS B 284 -20.81 -3.07 -20.18
N TYR B 285 -20.55 -3.49 -18.94
CA TYR B 285 -21.27 -4.61 -18.34
C TYR B 285 -22.52 -4.20 -17.58
N GLY B 286 -22.94 -2.94 -17.72
CA GLY B 286 -24.21 -2.48 -17.19
C GLY B 286 -24.25 -2.50 -15.67
N ARG B 287 -23.11 -2.22 -15.01
CA ARG B 287 -23.10 -2.26 -13.57
C ARG B 287 -23.78 -1.02 -13.02
N ARG B 288 -24.22 -1.11 -11.76
CA ARG B 288 -24.74 0.04 -11.03
C ARG B 288 -23.54 0.81 -10.47
N ILE B 289 -23.38 2.07 -10.88
CA ILE B 289 -22.20 2.85 -10.55
C ILE B 289 -22.64 4.23 -10.11
N GLU B 290 -22.16 4.68 -8.93
CA GLU B 290 -22.28 6.09 -8.59
C GLU B 290 -20.93 6.76 -8.88
N VAL B 291 -20.87 7.63 -9.89
CA VAL B 291 -19.63 8.30 -10.23
C VAL B 291 -19.53 9.65 -9.54
N VAL B 292 -18.40 9.88 -8.86
CA VAL B 292 -18.01 11.20 -8.41
C VAL B 292 -16.74 11.61 -9.17
N ASP B 293 -16.88 12.61 -10.04
CA ASP B 293 -15.89 12.99 -11.05
C ASP B 293 -15.29 14.35 -10.75
N ALA B 294 -14.01 14.36 -10.41
CA ALA B 294 -13.30 15.57 -10.05
C ALA B 294 -13.41 16.63 -11.15
N ALA B 295 -13.38 16.24 -12.41
CA ALA B 295 -13.46 17.22 -13.49
C ALA B 295 -14.84 17.87 -13.49
N ALA B 296 -15.89 17.13 -13.16
CA ALA B 296 -17.26 17.66 -13.14
C ALA B 296 -17.48 18.54 -11.91
N LEU B 297 -16.61 18.40 -10.90
CA LEU B 297 -16.75 19.07 -9.62
C LEU B 297 -15.83 20.30 -9.49
N GLY B 298 -15.18 20.75 -10.58
CA GLY B 298 -14.49 22.02 -10.58
C GLY B 298 -13.00 21.95 -10.22
N LEU B 299 -12.44 20.74 -10.10
CA LEU B 299 -11.05 20.61 -9.70
C LEU B 299 -10.09 21.17 -10.76
N SER B 300 -10.53 21.19 -12.04
CA SER B 300 -9.66 21.46 -13.16
C SER B 300 -9.11 22.89 -13.25
N THR B 301 -9.47 23.81 -12.36
CA THR B 301 -8.80 25.09 -12.33
C THR B 301 -7.42 25.01 -11.66
N ILE B 302 -7.13 23.91 -10.96
CA ILE B 302 -5.79 23.66 -10.46
C ILE B 302 -4.92 23.15 -11.63
N LYS B 303 -3.69 23.61 -11.66
CA LYS B 303 -2.79 23.32 -12.75
C LYS B 303 -2.46 21.83 -12.82
N THR B 304 -2.29 21.32 -14.04
CA THR B 304 -2.15 19.88 -14.29
C THR B 304 -0.84 19.38 -13.70
N THR B 305 0.11 20.27 -13.42
CA THR B 305 1.36 19.91 -12.77
C THR B 305 1.19 19.38 -11.35
N VAL B 306 0.08 19.77 -10.69
CA VAL B 306 -0.10 19.47 -9.25
C VAL B 306 -1.47 18.88 -8.92
N ILE B 307 -2.40 18.86 -9.89
CA ILE B 307 -3.78 18.51 -9.59
C ILE B 307 -3.94 17.13 -8.95
N ASP B 308 -3.05 16.17 -9.27
CA ASP B 308 -3.15 14.83 -8.71
C ASP B 308 -3.28 14.91 -7.18
N TYR B 309 -2.59 15.87 -6.54
CA TYR B 309 -2.44 15.91 -5.08
C TYR B 309 -3.67 16.46 -4.38
N PHE B 310 -4.64 17.01 -5.13
CA PHE B 310 -5.82 17.63 -4.55
C PHE B 310 -7.06 16.76 -4.70
N ASN B 311 -6.93 15.58 -5.36
CA ASN B 311 -8.04 14.66 -5.40
C ASN B 311 -8.50 14.21 -4.02
N HIS B 312 -7.56 13.84 -3.13
CA HIS B 312 -7.94 13.37 -1.82
C HIS B 312 -8.81 14.38 -1.06
N SER B 313 -8.34 15.62 -0.97
CA SER B 313 -9.05 16.67 -0.24
C SER B 313 -10.45 16.90 -0.83
N LEU B 314 -10.56 16.81 -2.15
CA LEU B 314 -11.87 16.94 -2.78
C LEU B 314 -12.80 15.81 -2.37
N PHE B 315 -12.42 14.56 -2.67
CA PHE B 315 -13.36 13.47 -2.43
C PHE B 315 -13.65 13.25 -0.95
N ASN B 316 -12.61 13.32 -0.09
CA ASN B 316 -12.77 13.09 1.33
C ASN B 316 -13.79 14.05 1.93
N ASN B 317 -13.88 15.26 1.35
CA ASN B 317 -14.78 16.31 1.86
C ASN B 317 -16.12 16.32 1.14
N VAL B 318 -16.23 15.70 -0.02
CA VAL B 318 -17.51 15.63 -0.74
C VAL B 318 -18.31 14.40 -0.34
N TYR B 319 -17.65 13.25 -0.14
CA TYR B 319 -18.37 12.05 0.25
C TYR B 319 -19.32 12.22 1.45
N PRO B 320 -19.01 13.01 2.51
CA PRO B 320 -19.94 13.17 3.62
C PRO B 320 -21.34 13.61 3.19
N VAL B 321 -21.43 14.32 2.07
CA VAL B 321 -22.72 14.77 1.55
C VAL B 321 -23.55 13.54 1.17
N TYR B 322 -22.92 12.62 0.45
CA TYR B 322 -23.53 11.34 0.10
C TYR B 322 -23.81 10.50 1.32
N ASN B 323 -22.85 10.40 2.21
CA ASN B 323 -22.98 9.53 3.38
C ASN B 323 -24.09 10.01 4.34
N ARG B 324 -24.23 11.34 4.52
CA ARG B 324 -25.31 11.88 5.35
C ARG B 324 -26.65 11.55 4.71
N ALA B 325 -26.74 11.68 3.38
CA ALA B 325 -28.00 11.47 2.71
C ALA B 325 -28.40 10.01 2.85
N LEU B 326 -27.42 9.11 2.72
CA LEU B 326 -27.66 7.69 2.88
C LEU B 326 -28.14 7.38 4.29
N ALA B 327 -27.50 7.95 5.32
CA ALA B 327 -27.88 7.73 6.69
C ALA B 327 -29.33 8.19 6.92
N GLU B 328 -29.68 9.34 6.37
CA GLU B 328 -31.02 9.89 6.50
C GLU B 328 -32.04 8.96 5.85
N ALA B 329 -31.75 8.47 4.63
CA ALA B 329 -32.66 7.60 3.91
C ALA B 329 -32.88 6.27 4.65
N ARG B 330 -31.93 5.86 5.49
CA ARG B 330 -32.05 4.61 6.24
C ARG B 330 -32.55 4.85 7.67
N GLN B 331 -33.24 5.98 7.90
CA GLN B 331 -33.62 6.42 9.24
C GLN B 331 -32.35 6.93 9.93
N HIS B 332 -31.55 6.03 10.52
CA HIS B 332 -30.15 6.34 10.79
C HIS B 332 -29.38 5.04 11.06
N LYS B 342 -16.17 6.11 16.05
CA LYS B 342 -15.25 4.98 16.37
C LYS B 342 -13.94 5.15 15.60
N VAL B 343 -14.02 5.40 14.28
CA VAL B 343 -12.85 5.46 13.41
C VAL B 343 -12.01 6.67 13.81
N GLU B 344 -10.70 6.43 13.94
CA GLU B 344 -9.77 7.49 14.25
C GLU B 344 -9.59 8.35 13.01
N TYR B 345 -9.73 9.66 13.19
CA TYR B 345 -9.62 10.62 12.09
C TYR B 345 -8.14 10.71 11.68
#